data_5IJH
#
_entry.id   5IJH
#
_cell.length_a   65.950
_cell.length_b   80.320
_cell.length_c   97.860
_cell.angle_alpha   90.00
_cell.angle_beta   90.00
_cell.angle_gamma   90.00
#
_symmetry.space_group_name_H-M   'P 21 21 21'
#
loop_
_entity.id
_entity.type
_entity.pdbx_description
1 polymer 'Xenotropic and polytropic retrovirus receptor 1'
2 non-polymer 'SULFATE ION'
3 water water
#
_entity_poly.entity_id   1
_entity_poly.type   'polypeptide(L)'
_entity_poly.pdbx_seq_one_letter_code
;MKFAEHLSAHITPEWRKQYIQYEAFKDMLYSAQDQAPSVEVTDEDTVKRYFAKFEEKFFQTCEKELAKINTFYSEKLAEA
QRRFATLQNELQSSLDAQKESTGVTTLRQRRKPVFHLSHEERVQHRNIKDLKLAFSEFYLSLILLQNYQNLNFTGFRKIL
KKHDKILETSRGADWRVAHVEVAPFYTCKKINQLISETEAVVTNELEHHHHHH
;
_entity_poly.pdbx_strand_id   A,B
#
# COMPACT_ATOMS: atom_id res chain seq x y z
N LYS A 2 -19.61 13.16 20.34
CA LYS A 2 -19.93 11.73 20.38
C LYS A 2 -18.97 10.86 19.54
N PHE A 3 -18.52 11.28 18.32
CA PHE A 3 -17.61 10.39 17.57
C PHE A 3 -16.28 10.13 18.31
N ALA A 4 -15.75 11.16 19.02
CA ALA A 4 -14.52 11.03 19.79
C ALA A 4 -14.66 9.88 20.84
N GLU A 5 -15.86 9.78 21.48
CA GLU A 5 -16.24 8.76 22.46
C GLU A 5 -16.34 7.41 21.78
N HIS A 6 -17.12 7.34 20.68
CA HIS A 6 -17.34 6.12 19.91
C HIS A 6 -16.02 5.51 19.46
N LEU A 7 -15.14 6.33 18.87
CA LEU A 7 -13.83 5.90 18.42
C LEU A 7 -13.03 5.33 19.60
N SER A 8 -12.97 6.09 20.71
CA SER A 8 -12.25 5.70 21.92
C SER A 8 -12.69 4.35 22.47
N ALA A 9 -14.00 4.10 22.51
CA ALA A 9 -14.59 2.85 23.01
C ALA A 9 -14.34 1.66 22.06
N HIS A 10 -14.17 1.92 20.73
CA HIS A 10 -14.07 0.86 19.73
C HIS A 10 -12.63 0.55 19.30
N ILE A 11 -11.66 1.28 19.86
CA ILE A 11 -10.25 1.07 19.56
C ILE A 11 -9.76 -0.26 20.12
N THR A 12 -8.86 -0.95 19.36
CA THR A 12 -8.14 -2.18 19.76
C THR A 12 -6.96 -1.66 20.61
N PRO A 13 -6.98 -1.86 21.96
CA PRO A 13 -5.95 -1.25 22.84
C PRO A 13 -4.49 -1.38 22.40
N GLU A 14 -4.09 -2.54 21.86
CA GLU A 14 -2.74 -2.82 21.34
C GLU A 14 -2.36 -1.88 20.18
N TRP A 15 -3.38 -1.41 19.42
CA TRP A 15 -3.18 -0.57 18.23
C TRP A 15 -3.49 0.89 18.46
N ARG A 16 -3.77 1.32 19.70
CA ARG A 16 -4.19 2.67 20.09
C ARG A 16 -3.46 3.82 19.36
N LYS A 17 -2.10 3.78 19.34
CA LYS A 17 -1.31 4.84 18.70
C LYS A 17 -1.46 4.89 17.15
N GLN A 18 -1.91 3.77 16.53
CA GLN A 18 -2.05 3.62 15.08
C GLN A 18 -3.35 4.19 14.44
N TYR A 19 -4.32 4.65 15.26
CA TYR A 19 -5.61 5.22 14.83
C TYR A 19 -5.48 6.73 14.56
N ILE A 20 -6.42 7.30 13.78
CA ILE A 20 -6.47 8.75 13.56
C ILE A 20 -6.49 9.48 14.94
N GLN A 21 -5.63 10.50 15.13
CA GLN A 21 -5.57 11.24 16.40
C GLN A 21 -6.68 12.28 16.34
N TYR A 22 -7.91 11.78 16.33
CA TYR A 22 -9.17 12.50 16.14
C TYR A 22 -9.39 13.65 17.13
N GLU A 23 -9.15 13.43 18.46
CA GLU A 23 -9.30 14.47 19.49
C GLU A 23 -8.26 15.56 19.32
N ALA A 24 -7.01 15.18 18.94
CA ALA A 24 -5.94 16.13 18.67
C ALA A 24 -6.33 17.05 17.47
N PHE A 25 -7.03 16.49 16.46
CA PHE A 25 -7.51 17.27 15.31
C PHE A 25 -8.63 18.22 15.75
N LYS A 26 -9.54 17.73 16.60
CA LYS A 26 -10.63 18.53 17.17
C LYS A 26 -10.03 19.71 17.98
N ASP A 27 -8.96 19.43 18.77
CA ASP A 27 -8.24 20.43 19.58
C ASP A 27 -7.57 21.42 18.67
N MET A 28 -6.94 20.93 17.56
CA MET A 28 -6.25 21.75 16.58
C MET A 28 -7.20 22.81 16.00
N LEU A 29 -8.38 22.36 15.54
CA LEU A 29 -9.43 23.20 14.99
C LEU A 29 -9.96 24.25 16.00
N TYR A 30 -10.08 23.86 17.31
CA TYR A 30 -10.48 24.78 18.39
C TYR A 30 -9.47 25.93 18.48
N SER A 31 -8.17 25.60 18.61
CA SER A 31 -7.05 26.53 18.70
C SER A 31 -6.96 27.45 17.48
N ALA A 32 -7.28 26.93 16.26
CA ALA A 32 -7.31 27.71 15.01
C ALA A 32 -8.37 28.82 15.11
N GLN A 33 -9.58 28.47 15.63
CA GLN A 33 -10.68 29.43 15.85
C GLN A 33 -10.34 30.43 16.97
N ASP A 34 -9.86 29.91 18.11
CA ASP A 34 -9.49 30.64 19.31
C ASP A 34 -8.41 31.70 19.02
N GLN A 35 -7.26 31.29 18.48
CA GLN A 35 -6.12 32.15 18.15
C GLN A 35 -6.32 33.02 16.88
N ALA A 36 -7.50 32.93 16.22
CA ALA A 36 -7.81 33.63 14.98
C ALA A 36 -7.83 35.15 15.08
N PRO A 37 -6.96 35.85 14.31
CA PRO A 37 -6.96 37.31 14.33
C PRO A 37 -8.22 37.83 13.59
N SER A 38 -9.02 38.68 14.26
CA SER A 38 -10.25 39.22 13.69
C SER A 38 -9.94 40.38 12.76
N VAL A 39 -10.54 40.40 11.55
CA VAL A 39 -10.33 41.50 10.61
C VAL A 39 -11.22 42.69 11.02
N GLU A 40 -10.55 43.80 11.42
CA GLU A 40 -10.98 45.11 11.97
C GLU A 40 -9.99 45.43 13.11
N VAL A 41 -9.37 44.37 13.64
CA VAL A 41 -8.36 44.33 14.71
C VAL A 41 -6.98 44.07 14.01
N THR A 42 -7.03 43.75 12.69
CA THR A 42 -5.93 43.48 11.75
C THR A 42 -6.48 43.58 10.29
N ASP A 43 -5.60 43.64 9.26
CA ASP A 43 -6.06 43.74 7.86
C ASP A 43 -6.50 42.36 7.28
N GLU A 44 -7.10 42.36 6.05
CA GLU A 44 -7.59 41.16 5.36
C GLU A 44 -6.48 40.18 4.96
N ASP A 45 -5.26 40.69 4.70
CA ASP A 45 -4.08 39.92 4.28
C ASP A 45 -3.46 39.08 5.40
N THR A 46 -3.40 39.60 6.65
CA THR A 46 -2.85 38.87 7.80
C THR A 46 -3.75 37.71 8.20
N VAL A 47 -5.09 37.89 8.05
CA VAL A 47 -6.13 36.88 8.31
C VAL A 47 -5.93 35.74 7.32
N LYS A 48 -5.84 36.07 6.00
CA LYS A 48 -5.60 35.11 4.92
C LYS A 48 -4.29 34.33 5.15
N ARG A 49 -3.20 35.03 5.56
CA ARG A 49 -1.88 34.47 5.87
C ARG A 49 -1.92 33.53 7.09
N TYR A 50 -2.69 33.90 8.14
CA TYR A 50 -2.88 33.08 9.34
C TYR A 50 -3.55 31.75 8.97
N PHE A 51 -4.69 31.80 8.24
CA PHE A 51 -5.44 30.62 7.84
C PHE A 51 -4.69 29.78 6.84
N ALA A 52 -3.90 30.44 5.97
CA ALA A 52 -3.03 29.74 5.01
C ALA A 52 -2.02 28.90 5.78
N LYS A 53 -1.38 29.52 6.81
CA LYS A 53 -0.39 28.89 7.71
C LYS A 53 -1.02 27.70 8.44
N PHE A 54 -2.24 27.87 9.01
CA PHE A 54 -2.97 26.79 9.68
C PHE A 54 -3.28 25.66 8.71
N GLU A 55 -3.73 25.99 7.47
CA GLU A 55 -4.04 24.99 6.43
C GLU A 55 -2.87 24.10 6.10
N GLU A 56 -1.67 24.68 6.05
CA GLU A 56 -0.47 23.90 5.79
C GLU A 56 -0.23 22.93 6.93
N LYS A 57 -0.24 23.43 8.19
CA LYS A 57 -0.03 22.59 9.37
C LYS A 57 -1.06 21.47 9.41
N PHE A 58 -2.38 21.81 9.25
CA PHE A 58 -3.49 20.87 9.26
C PHE A 58 -3.31 19.75 8.24
N PHE A 59 -3.08 20.09 6.95
CA PHE A 59 -2.96 19.06 5.91
C PHE A 59 -1.64 18.30 5.96
N GLN A 60 -0.59 18.86 6.61
CA GLN A 60 0.66 18.12 6.80
C GLN A 60 0.41 17.06 7.88
N THR A 61 -0.42 17.40 8.90
CA THR A 61 -0.82 16.49 9.98
C THR A 61 -1.70 15.38 9.40
N CYS A 62 -2.58 15.73 8.45
CA CYS A 62 -3.45 14.79 7.74
C CYS A 62 -2.60 13.79 7.00
N GLU A 63 -1.60 14.27 6.20
CA GLU A 63 -0.68 13.43 5.42
C GLU A 63 0.08 12.50 6.34
N LYS A 64 0.61 13.03 7.45
CA LYS A 64 1.35 12.25 8.45
C LYS A 64 0.47 11.14 9.06
N GLU A 65 -0.79 11.48 9.44
CA GLU A 65 -1.80 10.56 10.01
C GLU A 65 -2.20 9.48 9.00
N LEU A 66 -2.45 9.87 7.74
CA LEU A 66 -2.79 8.96 6.67
C LEU A 66 -1.63 7.99 6.35
N ALA A 67 -0.38 8.49 6.37
CA ALA A 67 0.83 7.69 6.12
C ALA A 67 0.93 6.60 7.18
N LYS A 68 0.69 6.97 8.47
CA LYS A 68 0.72 6.07 9.62
C LYS A 68 -0.32 4.96 9.46
N ILE A 69 -1.56 5.33 9.06
CA ILE A 69 -2.69 4.41 8.89
C ILE A 69 -2.45 3.42 7.72
N ASN A 70 -1.92 3.92 6.61
CA ASN A 70 -1.60 3.11 5.44
C ASN A 70 -0.52 2.11 5.75
N THR A 71 0.53 2.54 6.47
CA THR A 71 1.68 1.71 6.86
C THR A 71 1.22 0.58 7.72
N PHE A 72 0.49 0.88 8.82
CA PHE A 72 0.02 -0.10 9.77
C PHE A 72 -0.91 -1.12 9.07
N TYR A 73 -1.92 -0.62 8.36
CA TYR A 73 -2.85 -1.45 7.63
C TYR A 73 -2.15 -2.39 6.64
N SER A 74 -1.23 -1.86 5.80
CA SER A 74 -0.48 -2.65 4.81
C SER A 74 0.35 -3.74 5.41
N GLU A 75 1.06 -3.43 6.51
CA GLU A 75 1.87 -4.36 7.27
C GLU A 75 0.96 -5.47 7.81
N LYS A 76 -0.18 -5.10 8.44
CA LYS A 76 -1.14 -6.07 8.95
C LYS A 76 -1.84 -6.91 7.85
N LEU A 77 -2.17 -6.30 6.70
CA LEU A 77 -2.79 -7.02 5.59
C LEU A 77 -1.81 -8.02 4.94
N ALA A 78 -0.52 -7.64 4.78
CA ALA A 78 0.47 -8.58 4.22
C ALA A 78 0.67 -9.76 5.18
N GLU A 79 0.75 -9.47 6.49
CA GLU A 79 0.87 -10.43 7.57
C GLU A 79 -0.35 -11.39 7.56
N ALA A 80 -1.57 -10.87 7.31
CA ALA A 80 -2.82 -11.65 7.21
C ALA A 80 -2.81 -12.62 6.03
N GLN A 81 -2.36 -12.14 4.83
CA GLN A 81 -2.26 -12.95 3.61
C GLN A 81 -1.23 -14.08 3.77
N ARG A 82 -0.11 -13.79 4.48
CA ARG A 82 0.94 -14.76 4.77
C ARG A 82 0.39 -15.82 5.71
N ARG A 83 -0.23 -15.39 6.83
CA ARG A 83 -0.83 -16.28 7.82
C ARG A 83 -1.92 -17.19 7.21
N PHE A 84 -2.77 -16.66 6.33
CA PHE A 84 -3.79 -17.44 5.64
C PHE A 84 -3.18 -18.57 4.78
N ALA A 85 -2.07 -18.27 4.09
CA ALA A 85 -1.37 -19.23 3.24
C ALA A 85 -0.71 -20.32 4.09
N THR A 86 -0.05 -19.94 5.22
CA THR A 86 0.59 -20.86 6.15
C THR A 86 -0.47 -21.83 6.68
N LEU A 87 -1.61 -21.27 7.15
CA LEU A 87 -2.73 -22.00 7.74
C LEU A 87 -3.40 -22.97 6.78
N GLN A 88 -3.63 -22.56 5.52
CA GLN A 88 -4.22 -23.44 4.50
C GLN A 88 -3.32 -24.65 4.19
N ASN A 89 -1.99 -24.41 4.18
CA ASN A 89 -0.97 -25.45 3.96
C ASN A 89 -0.88 -26.40 5.15
N GLU A 90 -0.95 -25.86 6.39
CA GLU A 90 -0.94 -26.64 7.63
C GLU A 90 -2.18 -27.54 7.69
N LEU A 91 -3.35 -27.02 7.23
CA LEU A 91 -4.64 -27.71 7.17
C LEU A 91 -4.63 -28.85 6.18
N GLN A 92 -4.15 -28.59 4.94
CA GLN A 92 -4.09 -29.60 3.89
C GLN A 92 -3.17 -30.75 4.28
N SER A 93 -2.02 -30.44 4.92
CA SER A 93 -1.04 -31.41 5.40
C SER A 93 -1.57 -32.29 6.55
N SER A 94 -2.46 -31.73 7.39
CA SER A 94 -3.11 -32.46 8.50
C SER A 94 -4.23 -33.36 7.96
N LEU A 95 -5.01 -32.82 6.97
CA LEU A 95 -6.11 -33.51 6.30
C LEU A 95 -5.61 -34.73 5.50
N ASP A 96 -4.53 -34.55 4.70
CA ASP A 96 -3.91 -35.61 3.90
C ASP A 96 -3.32 -36.70 4.79
N ALA A 97 -2.75 -36.30 5.96
CA ALA A 97 -2.12 -37.18 6.95
C ALA A 97 -3.09 -38.19 7.54
N GLN A 98 -4.35 -37.78 7.75
CA GLN A 98 -5.39 -38.64 8.32
C GLN A 98 -5.70 -39.86 7.44
N LYS A 99 -5.73 -39.67 6.12
CA LYS A 99 -5.98 -40.74 5.16
C LYS A 99 -4.81 -40.87 4.17
N VAL A 123 -5.49 -39.91 16.81
CA VAL A 123 -4.49 -39.35 17.72
C VAL A 123 -4.23 -37.84 17.39
N GLN A 124 -4.22 -37.48 16.09
CA GLN A 124 -3.99 -36.09 15.63
C GLN A 124 -5.23 -35.20 15.81
N HIS A 125 -5.98 -35.46 16.89
CA HIS A 125 -7.16 -34.71 17.32
C HIS A 125 -6.65 -33.44 17.99
N ARG A 126 -5.49 -33.54 18.68
CA ARG A 126 -4.81 -32.44 19.37
C ARG A 126 -4.09 -31.56 18.35
N ASN A 127 -3.76 -32.14 17.17
CA ASN A 127 -3.16 -31.42 16.05
C ASN A 127 -4.21 -30.45 15.51
N ILE A 128 -5.43 -30.97 15.20
CA ILE A 128 -6.60 -30.21 14.72
C ILE A 128 -7.05 -29.16 15.76
N LYS A 129 -7.00 -29.49 17.08
CA LYS A 129 -7.36 -28.57 18.16
C LYS A 129 -6.53 -27.29 18.11
N ASP A 130 -5.21 -27.42 17.85
CA ASP A 130 -4.26 -26.31 17.71
C ASP A 130 -4.56 -25.48 16.45
N LEU A 131 -5.08 -26.13 15.39
CA LEU A 131 -5.47 -25.51 14.13
C LEU A 131 -6.79 -24.76 14.25
N LYS A 132 -7.75 -25.33 15.01
CA LYS A 132 -9.04 -24.70 15.28
C LYS A 132 -8.77 -23.37 16.01
N LEU A 133 -7.82 -23.39 16.97
CA LEU A 133 -7.38 -22.22 17.73
C LEU A 133 -6.74 -21.20 16.79
N ALA A 134 -5.82 -21.69 15.93
CA ALA A 134 -5.08 -20.90 14.95
C ALA A 134 -6.02 -20.15 13.98
N PHE A 135 -7.10 -20.83 13.50
CA PHE A 135 -8.08 -20.21 12.60
C PHE A 135 -8.96 -19.22 13.30
N SER A 136 -9.23 -19.49 14.58
CA SER A 136 -10.06 -18.60 15.41
C SER A 136 -9.31 -17.29 15.66
N GLU A 137 -8.03 -17.39 16.10
CA GLU A 137 -7.16 -16.23 16.35
C GLU A 137 -7.00 -15.41 15.09
N PHE A 138 -6.90 -16.11 13.94
CA PHE A 138 -6.71 -15.50 12.63
C PHE A 138 -7.95 -14.76 12.17
N TYR A 139 -9.12 -15.40 12.22
CA TYR A 139 -10.39 -14.76 11.85
C TYR A 139 -10.63 -13.47 12.63
N LEU A 140 -10.34 -13.51 13.95
CA LEU A 140 -10.46 -12.38 14.85
C LEU A 140 -9.57 -11.26 14.40
N SER A 141 -8.32 -11.57 14.04
CA SER A 141 -7.37 -10.58 13.53
C SER A 141 -7.90 -9.90 12.28
N LEU A 142 -8.67 -10.61 11.44
CA LEU A 142 -9.27 -10.03 10.22
C LEU A 142 -10.42 -9.08 10.59
N ILE A 143 -11.30 -9.50 11.53
CA ILE A 143 -12.42 -8.68 11.98
C ILE A 143 -11.88 -7.37 12.62
N LEU A 144 -10.81 -7.50 13.44
CA LEU A 144 -10.17 -6.37 14.11
C LEU A 144 -9.58 -5.40 13.07
N LEU A 145 -8.94 -5.93 12.03
CA LEU A 145 -8.38 -5.14 10.95
C LEU A 145 -9.47 -4.40 10.13
N GLN A 146 -10.60 -5.06 9.82
CA GLN A 146 -11.75 -4.44 9.16
C GLN A 146 -12.33 -3.28 10.02
N ASN A 147 -12.38 -3.47 11.36
CA ASN A 147 -12.90 -2.43 12.26
C ASN A 147 -11.99 -1.21 12.21
N TYR A 148 -10.68 -1.43 12.28
CA TYR A 148 -9.65 -0.39 12.17
C TYR A 148 -9.81 0.39 10.85
N GLN A 149 -10.04 -0.33 9.75
CA GLN A 149 -10.26 0.33 8.46
C GLN A 149 -11.48 1.23 8.52
N ASN A 150 -12.60 0.71 8.99
CA ASN A 150 -13.87 1.46 9.06
C ASN A 150 -13.84 2.64 9.99
N LEU A 151 -13.28 2.48 11.17
CA LEU A 151 -13.15 3.54 12.14
C LEU A 151 -12.27 4.66 11.63
N ASN A 152 -11.14 4.31 10.99
CA ASN A 152 -10.24 5.33 10.48
C ASN A 152 -10.82 6.09 9.32
N PHE A 153 -11.55 5.40 8.43
CA PHE A 153 -12.20 6.08 7.33
C PHE A 153 -13.24 7.07 7.86
N THR A 154 -14.08 6.64 8.81
CA THR A 154 -15.11 7.50 9.40
C THR A 154 -14.48 8.72 10.10
N GLY A 155 -13.38 8.48 10.83
CA GLY A 155 -12.60 9.51 11.52
C GLY A 155 -12.13 10.60 10.57
N PHE A 156 -11.58 10.21 9.40
CA PHE A 156 -11.14 11.16 8.35
C PHE A 156 -12.30 11.91 7.75
N ARG A 157 -13.36 11.18 7.32
CA ARG A 157 -14.54 11.82 6.73
C ARG A 157 -15.10 12.90 7.66
N LYS A 158 -15.29 12.57 8.97
CA LYS A 158 -15.85 13.46 9.98
C LYS A 158 -14.96 14.64 10.31
N ILE A 159 -13.65 14.41 10.48
CA ILE A 159 -12.76 15.52 10.84
C ILE A 159 -12.63 16.52 9.69
N LEU A 160 -12.64 16.03 8.44
CA LEU A 160 -12.54 16.87 7.27
C LEU A 160 -13.83 17.68 7.07
N LYS A 161 -14.99 17.10 7.44
CA LYS A 161 -16.29 17.78 7.39
C LYS A 161 -16.33 18.87 8.48
N LYS A 162 -15.79 18.57 9.68
CA LYS A 162 -15.67 19.46 10.82
C LYS A 162 -14.79 20.63 10.39
N HIS A 163 -13.59 20.34 9.84
CA HIS A 163 -12.65 21.33 9.34
C HIS A 163 -13.33 22.30 8.34
N ASP A 164 -14.05 21.74 7.34
CA ASP A 164 -14.75 22.49 6.29
C ASP A 164 -15.86 23.40 6.82
N LYS A 165 -16.62 22.92 7.81
CA LYS A 165 -17.72 23.63 8.48
C LYS A 165 -17.16 24.86 9.23
N ILE A 166 -16.09 24.66 10.03
CA ILE A 166 -15.38 25.67 10.82
C ILE A 166 -14.65 26.71 9.93
N LEU A 167 -13.85 26.23 8.95
CA LEU A 167 -13.07 27.11 8.09
C LEU A 167 -13.82 27.59 6.86
N GLU A 168 -15.11 27.18 6.69
CA GLU A 168 -15.99 27.59 5.56
C GLU A 168 -15.29 27.41 4.23
N THR A 169 -14.80 26.18 4.00
CA THR A 169 -14.03 25.79 2.83
C THR A 169 -14.44 24.42 2.30
N SER A 170 -13.85 23.97 1.17
CA SER A 170 -14.09 22.66 0.56
C SER A 170 -12.77 21.85 0.43
N ARG A 171 -11.65 22.44 0.92
CA ARG A 171 -10.29 21.86 0.92
C ARG A 171 -10.20 20.50 1.61
N GLY A 172 -10.89 20.36 2.73
CA GLY A 172 -10.97 19.11 3.48
C GLY A 172 -11.63 17.99 2.69
N ALA A 173 -12.78 18.29 2.05
CA ALA A 173 -13.53 17.35 1.21
C ALA A 173 -12.71 17.03 -0.04
N ASP A 174 -11.99 18.04 -0.60
CA ASP A 174 -11.09 17.85 -1.75
C ASP A 174 -10.04 16.81 -1.38
N TRP A 175 -9.38 17.00 -0.20
CA TRP A 175 -8.35 16.12 0.35
C TRP A 175 -8.89 14.71 0.63
N ARG A 176 -10.16 14.59 1.07
CA ARG A 176 -10.79 13.27 1.34
C ARG A 176 -10.86 12.46 0.03
N VAL A 177 -11.40 13.08 -1.02
CA VAL A 177 -11.47 12.46 -2.37
C VAL A 177 -10.07 12.18 -2.96
N ALA A 178 -9.15 13.17 -2.91
CA ALA A 178 -7.79 13.04 -3.44
C ALA A 178 -6.91 12.01 -2.73
N HIS A 179 -7.02 11.88 -1.39
CA HIS A 179 -6.08 11.00 -0.70
C HIS A 179 -6.68 9.90 0.15
N VAL A 180 -7.86 10.09 0.75
CA VAL A 180 -8.42 9.11 1.67
C VAL A 180 -9.22 8.04 0.90
N GLU A 181 -10.07 8.47 -0.03
CA GLU A 181 -10.96 7.58 -0.77
C GLU A 181 -10.23 6.64 -1.74
N VAL A 182 -8.95 6.92 -2.01
CA VAL A 182 -8.08 6.10 -2.88
C VAL A 182 -6.92 5.53 -2.07
N ALA A 183 -6.96 5.65 -0.73
CA ALA A 183 -5.82 5.18 0.08
C ALA A 183 -5.74 3.65 0.17
N PRO A 184 -4.51 3.08 0.25
CA PRO A 184 -4.39 1.61 0.40
C PRO A 184 -5.02 1.07 1.70
N PHE A 185 -5.09 1.87 2.78
CA PHE A 185 -5.74 1.37 4.00
C PHE A 185 -7.23 1.17 3.78
N TYR A 186 -7.81 1.96 2.86
CA TYR A 186 -9.23 1.97 2.61
C TYR A 186 -9.68 1.12 1.47
N THR A 187 -8.98 1.24 0.36
CA THR A 187 -9.43 0.53 -0.81
C THR A 187 -8.30 -0.22 -1.45
N CYS A 188 -8.69 -1.26 -2.16
CA CYS A 188 -7.83 -2.15 -2.88
C CYS A 188 -8.14 -2.16 -4.39
N LYS A 189 -7.12 -1.92 -5.23
CA LYS A 189 -7.29 -2.00 -6.68
C LYS A 189 -6.15 -2.73 -7.33
N LYS A 190 -6.45 -3.86 -7.97
CA LYS A 190 -5.45 -4.63 -8.69
C LYS A 190 -5.22 -3.86 -9.97
N ILE A 191 -3.92 -3.64 -10.33
CA ILE A 191 -3.56 -2.86 -11.53
C ILE A 191 -4.25 -3.42 -12.79
N ASN A 192 -4.40 -4.77 -12.87
CA ASN A 192 -5.10 -5.41 -13.99
C ASN A 192 -6.57 -4.96 -14.10
N GLN A 193 -7.28 -4.84 -12.94
CA GLN A 193 -8.68 -4.39 -12.85
C GLN A 193 -8.83 -2.97 -13.40
N LEU A 194 -7.99 -2.04 -12.90
CA LEU A 194 -7.93 -0.64 -13.28
C LEU A 194 -7.65 -0.50 -14.79
N ILE A 195 -6.86 -1.43 -15.36
CA ILE A 195 -6.56 -1.49 -16.81
C ILE A 195 -7.80 -1.94 -17.61
N SER A 196 -8.52 -3.01 -17.17
CA SER A 196 -9.75 -3.52 -17.83
C SER A 196 -10.85 -2.47 -17.74
N GLU A 197 -10.91 -1.76 -16.61
CA GLU A 197 -11.88 -0.70 -16.36
C GLU A 197 -11.64 0.50 -17.26
N THR A 198 -10.37 0.88 -17.48
CA THR A 198 -10.04 2.01 -18.34
C THR A 198 -10.32 1.63 -19.79
N GLU A 199 -10.04 0.36 -20.16
CA GLU A 199 -10.31 -0.19 -21.48
C GLU A 199 -11.80 -0.03 -21.77
N ALA A 200 -12.67 -0.49 -20.82
CA ALA A 200 -14.13 -0.42 -20.91
C ALA A 200 -14.63 1.00 -21.15
N VAL A 201 -14.23 1.96 -20.30
CA VAL A 201 -14.59 3.38 -20.41
C VAL A 201 -14.17 3.97 -21.78
N VAL A 202 -12.95 3.68 -22.23
CA VAL A 202 -12.41 4.18 -23.48
C VAL A 202 -13.16 3.59 -24.70
N THR A 203 -13.33 2.24 -24.76
CA THR A 203 -14.02 1.55 -25.86
C THR A 203 -15.51 1.88 -25.93
N ASN A 204 -16.15 2.17 -24.79
CA ASN A 204 -17.58 2.50 -24.74
C ASN A 204 -17.83 4.01 -24.82
N GLU A 205 -16.83 4.87 -24.54
CA GLU A 205 -16.95 6.34 -24.62
C GLU A 205 -15.65 6.98 -25.17
N LYS B 2 22.00 -12.44 -18.18
CA LYS B 2 20.96 -11.96 -19.09
C LYS B 2 19.78 -11.24 -18.37
N PHE B 3 19.30 -11.70 -17.17
CA PHE B 3 18.18 -10.94 -16.55
C PHE B 3 18.58 -9.49 -16.18
N ALA B 4 19.83 -9.28 -15.74
CA ALA B 4 20.36 -7.96 -15.42
C ALA B 4 20.21 -7.00 -16.65
N GLU B 5 20.49 -7.53 -17.88
CA GLU B 5 20.39 -6.84 -19.17
C GLU B 5 18.93 -6.56 -19.47
N HIS B 6 18.07 -7.62 -19.42
CA HIS B 6 16.64 -7.53 -19.69
C HIS B 6 15.98 -6.46 -18.80
N LEU B 7 16.28 -6.49 -17.49
CA LEU B 7 15.73 -5.53 -16.55
C LEU B 7 16.14 -4.13 -16.94
N SER B 8 17.44 -3.93 -17.19
CA SER B 8 18.01 -2.65 -17.55
C SER B 8 17.37 -2.04 -18.81
N ALA B 9 17.14 -2.87 -19.85
CA ALA B 9 16.51 -2.45 -21.10
C ALA B 9 15.00 -2.12 -20.94
N HIS B 10 14.32 -2.77 -19.98
CA HIS B 10 12.88 -2.65 -19.82
C HIS B 10 12.44 -1.68 -18.73
N ILE B 11 13.42 -1.11 -17.98
CA ILE B 11 13.17 -0.11 -16.92
C ILE B 11 12.61 1.21 -17.52
N THR B 12 11.57 1.80 -16.90
CA THR B 12 11.04 3.12 -17.26
C THR B 12 12.11 4.10 -16.75
N PRO B 13 12.88 4.78 -17.66
CA PRO B 13 14.01 5.62 -17.21
C PRO B 13 13.77 6.58 -16.05
N GLU B 14 12.59 7.22 -15.99
CA GLU B 14 12.17 8.13 -14.92
C GLU B 14 12.12 7.43 -13.55
N TRP B 15 11.85 6.11 -13.56
CA TRP B 15 11.67 5.29 -12.36
C TRP B 15 12.87 4.41 -12.02
N ARG B 16 13.99 4.55 -12.75
CA ARG B 16 15.21 3.74 -12.63
C ARG B 16 15.63 3.40 -11.19
N LYS B 17 15.73 4.42 -10.31
CA LYS B 17 16.17 4.21 -8.92
C LYS B 17 15.15 3.42 -8.06
N GLN B 18 13.87 3.36 -8.50
CA GLN B 18 12.76 2.68 -7.79
C GLN B 18 12.64 1.16 -8.00
N TYR B 19 13.44 0.62 -8.91
CA TYR B 19 13.46 -0.81 -9.21
C TYR B 19 14.44 -1.57 -8.28
N ILE B 20 14.23 -2.89 -8.11
CA ILE B 20 15.14 -3.78 -7.38
C ILE B 20 16.58 -3.56 -7.94
N GLN B 21 17.57 -3.32 -7.05
CA GLN B 21 18.99 -3.12 -7.38
C GLN B 21 19.58 -4.51 -7.57
N TYR B 22 19.23 -5.11 -8.70
CA TYR B 22 19.57 -6.45 -9.09
C TYR B 22 21.07 -6.66 -9.25
N GLU B 23 21.77 -5.67 -9.80
CA GLU B 23 23.22 -5.74 -10.04
C GLU B 23 23.97 -5.64 -8.71
N ALA B 24 23.52 -4.73 -7.82
CA ALA B 24 24.11 -4.57 -6.49
C ALA B 24 23.96 -5.84 -5.64
N PHE B 25 22.85 -6.61 -5.85
CA PHE B 25 22.61 -7.89 -5.16
C PHE B 25 23.58 -8.93 -5.71
N LYS B 26 23.86 -8.86 -7.01
CA LYS B 26 24.81 -9.76 -7.69
C LYS B 26 26.25 -9.52 -7.21
N ASP B 27 26.62 -8.23 -6.97
CA ASP B 27 27.94 -7.84 -6.45
C ASP B 27 28.04 -8.25 -4.95
N MET B 28 26.88 -8.26 -4.26
CA MET B 28 26.75 -8.69 -2.87
C MET B 28 27.01 -10.22 -2.77
N LEU B 29 26.35 -11.02 -3.65
CA LEU B 29 26.53 -12.46 -3.71
C LEU B 29 27.95 -12.86 -4.15
N TYR B 30 28.56 -12.08 -5.11
CA TYR B 30 29.95 -12.29 -5.56
C TYR B 30 30.90 -12.14 -4.38
N SER B 31 30.81 -10.99 -3.67
CA SER B 31 31.60 -10.63 -2.48
C SER B 31 31.47 -11.65 -1.37
N ALA B 32 30.26 -12.23 -1.18
CA ALA B 32 30.00 -13.27 -0.18
C ALA B 32 30.81 -14.52 -0.49
N GLN B 33 30.85 -14.93 -1.77
CA GLN B 33 31.64 -16.08 -2.26
C GLN B 33 33.14 -15.79 -2.18
N ASP B 34 33.56 -14.61 -2.68
CA ASP B 34 34.93 -14.12 -2.73
C ASP B 34 35.57 -14.04 -1.34
N GLN B 35 34.95 -13.29 -0.41
CA GLN B 35 35.43 -13.09 0.96
C GLN B 35 35.23 -14.31 1.88
N ALA B 36 34.65 -15.43 1.36
CA ALA B 36 34.32 -16.63 2.14
C ALA B 36 35.52 -17.36 2.77
N PRO B 37 35.44 -17.62 4.11
CA PRO B 37 36.49 -18.43 4.77
C PRO B 37 36.30 -19.93 4.50
N SER B 38 37.41 -20.68 4.61
CA SER B 38 37.45 -22.12 4.37
C SER B 38 37.54 -22.91 5.66
N VAL B 39 36.85 -24.06 5.70
CA VAL B 39 36.97 -25.00 6.81
C VAL B 39 38.00 -26.03 6.34
N GLU B 40 39.25 -25.74 6.69
CA GLU B 40 40.52 -26.44 6.38
C GLU B 40 41.63 -25.45 6.78
N VAL B 41 41.24 -24.15 6.84
CA VAL B 41 42.04 -22.98 7.19
C VAL B 41 41.55 -22.45 8.56
N THR B 42 40.21 -22.43 8.74
CA THR B 42 39.51 -21.97 9.94
C THR B 42 38.65 -23.14 10.46
N ASP B 43 37.81 -22.90 11.46
CA ASP B 43 36.90 -23.91 12.01
C ASP B 43 35.54 -23.84 11.34
N GLU B 44 34.67 -24.83 11.62
CA GLU B 44 33.29 -24.93 11.10
C GLU B 44 32.37 -23.80 11.62
N ASP B 45 32.65 -23.30 12.85
CA ASP B 45 31.85 -22.25 13.50
C ASP B 45 32.06 -20.86 12.89
N THR B 46 33.32 -20.48 12.56
CA THR B 46 33.63 -19.18 11.95
C THR B 46 33.00 -19.05 10.56
N VAL B 47 32.93 -20.18 9.80
CA VAL B 47 32.30 -20.29 8.49
C VAL B 47 30.78 -20.05 8.68
N LYS B 48 30.16 -20.73 9.67
CA LYS B 48 28.76 -20.60 10.05
C LYS B 48 28.45 -19.15 10.39
N ARG B 49 29.28 -18.53 11.26
CA ARG B 49 29.16 -17.14 11.73
C ARG B 49 29.27 -16.15 10.57
N TYR B 50 30.20 -16.42 9.61
CA TYR B 50 30.38 -15.58 8.44
C TYR B 50 29.12 -15.57 7.57
N PHE B 51 28.59 -16.76 7.23
CA PHE B 51 27.40 -16.89 6.39
C PHE B 51 26.16 -16.37 7.08
N ALA B 52 26.09 -16.53 8.42
CA ALA B 52 25.00 -16.00 9.24
C ALA B 52 25.00 -14.48 9.11
N LYS B 53 26.20 -13.85 9.24
CA LYS B 53 26.42 -12.40 9.11
C LYS B 53 25.99 -11.90 7.74
N PHE B 54 26.41 -12.62 6.66
CA PHE B 54 26.02 -12.28 5.29
C PHE B 54 24.51 -12.39 5.12
N GLU B 55 23.87 -13.46 5.65
CA GLU B 55 22.42 -13.66 5.57
C GLU B 55 21.63 -12.50 6.16
N GLU B 56 22.10 -11.94 7.28
CA GLU B 56 21.47 -10.79 7.90
C GLU B 56 21.55 -9.60 6.95
N LYS B 57 22.77 -9.28 6.46
CA LYS B 57 22.99 -8.16 5.54
C LYS B 57 22.12 -8.30 4.29
N PHE B 58 22.15 -9.50 3.66
CA PHE B 58 21.39 -9.82 2.46
C PHE B 58 19.88 -9.58 2.64
N PHE B 59 19.28 -10.17 3.69
CA PHE B 59 17.83 -10.04 3.88
C PHE B 59 17.42 -8.66 4.40
N GLN B 60 18.37 -7.90 4.99
CA GLN B 60 18.07 -6.52 5.41
C GLN B 60 18.00 -5.66 4.14
N THR B 61 18.88 -5.98 3.13
CA THR B 61 18.91 -5.30 1.82
C THR B 61 17.63 -5.64 1.05
N CYS B 62 17.16 -6.88 1.16
CA CYS B 62 15.91 -7.35 0.57
C CYS B 62 14.74 -6.54 1.13
N GLU B 63 14.65 -6.45 2.47
CA GLU B 63 13.62 -5.70 3.17
C GLU B 63 13.63 -4.23 2.74
N LYS B 64 14.83 -3.61 2.71
CA LYS B 64 15.00 -2.22 2.29
C LYS B 64 14.49 -2.01 0.84
N GLU B 65 14.88 -2.93 -0.10
CA GLU B 65 14.48 -2.92 -1.51
C GLU B 65 12.98 -3.10 -1.67
N LEU B 66 12.40 -4.06 -0.93
CA LEU B 66 10.97 -4.32 -0.96
C LEU B 66 10.15 -3.11 -0.41
N ALA B 67 10.67 -2.44 0.63
CA ALA B 67 10.02 -1.26 1.24
C ALA B 67 9.94 -0.15 0.21
N LYS B 68 11.05 0.06 -0.56
CA LYS B 68 11.17 1.05 -1.61
C LYS B 68 10.14 0.79 -2.72
N ILE B 69 10.02 -0.48 -3.14
CA ILE B 69 9.13 -0.90 -4.22
C ILE B 69 7.64 -0.75 -3.80
N ASN B 70 7.31 -1.13 -2.57
CA ASN B 70 5.96 -1.00 -2.02
C ASN B 70 5.54 0.44 -1.93
N THR B 71 6.44 1.34 -1.47
CA THR B 71 6.20 2.77 -1.32
C THR B 71 5.90 3.39 -2.67
N PHE B 72 6.81 3.18 -3.65
CA PHE B 72 6.66 3.73 -5.00
C PHE B 72 5.37 3.25 -5.66
N TYR B 73 5.17 1.94 -5.69
CA TYR B 73 3.97 1.32 -6.25
C TYR B 73 2.69 1.88 -5.64
N SER B 74 2.60 1.93 -4.28
CA SER B 74 1.41 2.42 -3.58
C SER B 74 1.10 3.86 -3.87
N GLU B 75 2.14 4.71 -3.93
CA GLU B 75 2.02 6.12 -4.26
C GLU B 75 1.48 6.24 -5.69
N LYS B 76 2.05 5.48 -6.63
CA LYS B 76 1.59 5.48 -8.03
C LYS B 76 0.18 4.90 -8.22
N LEU B 77 -0.18 3.84 -7.46
CA LEU B 77 -1.52 3.25 -7.54
C LEU B 77 -2.59 4.20 -6.97
N ALA B 78 -2.30 4.89 -5.86
CA ALA B 78 -3.27 5.85 -5.28
C ALA B 78 -3.48 7.04 -6.27
N GLU B 79 -2.38 7.50 -6.86
CA GLU B 79 -2.35 8.56 -7.87
C GLU B 79 -3.18 8.13 -9.12
N ALA B 80 -3.09 6.85 -9.52
CA ALA B 80 -3.84 6.26 -10.64
C ALA B 80 -5.36 6.24 -10.37
N GLN B 81 -5.76 5.80 -9.15
CA GLN B 81 -7.16 5.74 -8.73
C GLN B 81 -7.81 7.15 -8.67
N ARG B 82 -6.99 8.17 -8.24
CA ARG B 82 -7.40 9.58 -8.16
CA ARG B 82 -7.44 9.56 -8.17
C ARG B 82 -7.63 10.08 -9.59
N ARG B 83 -6.63 9.88 -10.48
CA ARG B 83 -6.67 10.31 -11.88
C ARG B 83 -7.85 9.68 -12.64
N PHE B 84 -8.13 8.38 -12.41
CA PHE B 84 -9.26 7.68 -13.02
C PHE B 84 -10.61 8.31 -12.65
N ALA B 85 -10.75 8.71 -11.37
CA ALA B 85 -11.96 9.36 -10.87
C ALA B 85 -12.13 10.75 -11.47
N THR B 86 -11.04 11.55 -11.54
CA THR B 86 -11.04 12.89 -12.12
C THR B 86 -11.49 12.80 -13.58
N LEU B 87 -10.88 11.86 -14.34
CA LEU B 87 -11.11 11.62 -15.75
C LEU B 87 -12.53 11.16 -16.07
N GLN B 88 -13.10 10.24 -15.26
CA GLN B 88 -14.48 9.78 -15.45
C GLN B 88 -15.49 10.93 -15.24
N ASN B 89 -15.20 11.83 -14.27
CA ASN B 89 -16.01 12.99 -13.98
C ASN B 89 -15.91 14.04 -15.10
N GLU B 90 -14.69 14.25 -15.65
CA GLU B 90 -14.45 15.16 -16.77
C GLU B 90 -15.19 14.68 -18.03
N LEU B 91 -15.22 13.34 -18.23
CA LEU B 91 -15.90 12.67 -19.34
C LEU B 91 -17.41 12.79 -19.24
N GLN B 92 -17.98 12.51 -18.07
CA GLN B 92 -19.43 12.60 -17.85
C GLN B 92 -19.93 14.03 -18.05
N SER B 93 -19.17 15.03 -17.57
CA SER B 93 -19.48 16.46 -17.71
C SER B 93 -19.43 16.94 -19.17
N SER B 94 -18.54 16.33 -19.98
CA SER B 94 -18.41 16.67 -21.40
C SER B 94 -19.55 15.98 -22.18
N LEU B 95 -19.87 14.71 -21.82
CA LEU B 95 -20.95 13.91 -22.42
C LEU B 95 -22.33 14.53 -22.19
N ASP B 96 -22.62 14.95 -20.93
CA ASP B 96 -23.87 15.61 -20.54
C ASP B 96 -24.05 16.93 -21.28
N ALA B 97 -22.94 17.61 -21.61
CA ALA B 97 -22.95 18.85 -22.39
C ALA B 97 -23.39 18.57 -23.85
N GLN B 98 -22.92 17.43 -24.43
CA GLN B 98 -23.26 17.00 -25.80
C GLN B 98 -24.75 16.66 -25.91
N SER B 118 -21.69 25.87 -36.17
CA SER B 118 -20.66 24.85 -35.94
C SER B 118 -19.63 25.30 -34.91
N HIS B 119 -19.77 26.55 -34.40
CA HIS B 119 -18.92 27.18 -33.39
C HIS B 119 -18.79 26.25 -32.18
N GLU B 120 -19.95 25.75 -31.70
CA GLU B 120 -20.07 24.83 -30.56
C GLU B 120 -19.44 23.45 -30.83
N GLU B 121 -19.68 22.86 -32.02
CA GLU B 121 -19.13 21.55 -32.39
C GLU B 121 -17.60 21.57 -32.54
N ARG B 122 -17.00 22.71 -32.97
CA ARG B 122 -15.55 22.88 -33.13
C ARG B 122 -14.87 22.86 -31.77
N VAL B 123 -15.39 23.65 -30.80
CA VAL B 123 -14.88 23.75 -29.42
C VAL B 123 -15.10 22.43 -28.66
N GLN B 124 -16.24 21.73 -28.92
CA GLN B 124 -16.55 20.48 -28.24
C GLN B 124 -15.78 19.28 -28.77
N HIS B 125 -15.27 19.39 -30.01
CA HIS B 125 -14.45 18.35 -30.66
C HIS B 125 -13.04 18.45 -30.10
N ARG B 126 -12.63 19.70 -29.80
CA ARG B 126 -11.32 20.04 -29.23
C ARG B 126 -11.33 19.73 -27.74
N ASN B 127 -12.54 19.71 -27.12
CA ASN B 127 -12.73 19.33 -25.71
C ASN B 127 -12.41 17.84 -25.59
N ILE B 128 -13.03 16.99 -26.46
CA ILE B 128 -12.84 15.54 -26.54
C ILE B 128 -11.38 15.21 -26.93
N LYS B 129 -10.75 15.99 -27.84
CA LYS B 129 -9.35 15.79 -28.25
C LYS B 129 -8.39 15.83 -27.04
N ASP B 130 -8.62 16.79 -26.12
CA ASP B 130 -7.85 16.95 -24.89
C ASP B 130 -8.10 15.77 -23.91
N LEU B 131 -9.32 15.19 -23.95
CA LEU B 131 -9.71 14.04 -23.14
C LEU B 131 -9.15 12.74 -23.68
N LYS B 132 -9.10 12.61 -25.03
CA LYS B 132 -8.52 11.45 -25.71
C LYS B 132 -7.05 11.38 -25.31
N LEU B 133 -6.36 12.55 -25.30
CA LEU B 133 -4.96 12.69 -24.88
C LEU B 133 -4.81 12.29 -23.41
N ALA B 134 -5.70 12.83 -22.54
CA ALA B 134 -5.74 12.57 -21.11
C ALA B 134 -5.89 11.08 -20.78
N PHE B 135 -6.78 10.37 -21.50
CA PHE B 135 -7.01 8.93 -21.30
C PHE B 135 -5.87 8.11 -21.83
N SER B 136 -5.22 8.59 -22.89
CA SER B 136 -4.08 7.91 -23.50
C SER B 136 -2.90 7.97 -22.52
N GLU B 137 -2.58 9.19 -22.00
CA GLU B 137 -1.50 9.39 -21.02
C GLU B 137 -1.73 8.54 -19.79
N PHE B 138 -3.01 8.43 -19.37
CA PHE B 138 -3.43 7.68 -18.19
C PHE B 138 -3.30 6.18 -18.41
N TYR B 139 -3.85 5.65 -19.50
CA TYR B 139 -3.75 4.22 -19.82
C TYR B 139 -2.28 3.76 -19.88
N LEU B 140 -1.41 4.58 -20.47
CA LEU B 140 0.02 4.33 -20.56
C LEU B 140 0.62 4.24 -19.17
N SER B 141 0.26 5.17 -18.27
CA SER B 141 0.72 5.15 -16.89
C SER B 141 0.33 3.83 -16.20
N LEU B 142 -0.83 3.24 -16.56
CA LEU B 142 -1.28 1.96 -15.99
C LEU B 142 -0.44 0.80 -16.52
N ILE B 143 -0.19 0.78 -17.84
CA ILE B 143 0.63 -0.24 -18.49
C ILE B 143 2.05 -0.21 -17.91
N LEU B 144 2.60 1.03 -17.74
CA LEU B 144 3.95 1.22 -17.20
C LEU B 144 4.02 0.71 -15.76
N LEU B 145 2.98 1.00 -14.96
CA LEU B 145 2.90 0.53 -13.58
C LEU B 145 2.80 -1.01 -13.48
N GLN B 146 1.99 -1.66 -14.35
CA GLN B 146 1.92 -3.12 -14.45
C GLN B 146 3.30 -3.72 -14.81
N ASN B 147 4.05 -3.09 -15.73
CA ASN B 147 5.36 -3.57 -16.13
C ASN B 147 6.31 -3.53 -14.96
N TYR B 148 6.33 -2.40 -14.22
CA TYR B 148 7.12 -2.21 -13.00
C TYR B 148 6.79 -3.32 -11.97
N GLN B 149 5.50 -3.62 -11.79
CA GLN B 149 5.11 -4.67 -10.87
C GLN B 149 5.68 -6.02 -11.31
N ASN B 150 5.51 -6.38 -12.58
CA ASN B 150 6.01 -7.65 -13.14
C ASN B 150 7.51 -7.75 -13.17
N LEU B 151 8.22 -6.66 -13.51
CA LEU B 151 9.70 -6.67 -13.53
C LEU B 151 10.30 -6.77 -12.12
N ASN B 152 9.72 -6.07 -11.11
CA ASN B 152 10.21 -6.18 -9.74
C ASN B 152 9.89 -7.52 -9.12
N PHE B 153 8.75 -8.12 -9.48
CA PHE B 153 8.44 -9.44 -8.98
C PHE B 153 9.43 -10.46 -9.54
N THR B 154 9.68 -10.43 -10.86
CA THR B 154 10.62 -11.35 -11.53
C THR B 154 12.05 -11.16 -10.96
N GLY B 155 12.46 -9.91 -10.75
CA GLY B 155 13.74 -9.55 -10.17
C GLY B 155 13.95 -10.19 -8.81
N PHE B 156 12.92 -10.13 -7.93
CA PHE B 156 12.96 -10.76 -6.60
C PHE B 156 13.00 -12.27 -6.72
N ARG B 157 12.11 -12.88 -7.51
CA ARG B 157 12.07 -14.32 -7.67
C ARG B 157 13.45 -14.86 -8.11
N LYS B 158 14.06 -14.21 -9.14
CA LYS B 158 15.35 -14.60 -9.70
C LYS B 158 16.54 -14.34 -8.77
N ILE B 159 16.56 -13.20 -8.05
CA ILE B 159 17.68 -12.90 -7.16
C ILE B 159 17.70 -13.83 -5.97
N LEU B 160 16.51 -14.26 -5.51
CA LEU B 160 16.37 -15.16 -4.40
C LEU B 160 16.73 -16.58 -4.81
N LYS B 161 16.48 -16.95 -6.10
CA LYS B 161 16.85 -18.25 -6.66
C LYS B 161 18.39 -18.32 -6.82
N LYS B 162 19.00 -17.21 -7.26
CA LYS B 162 20.46 -17.04 -7.42
C LYS B 162 21.10 -17.21 -6.04
N HIS B 163 20.59 -16.45 -5.03
CA HIS B 163 21.04 -16.55 -3.64
C HIS B 163 21.03 -18.01 -3.13
N ASP B 164 19.88 -18.71 -3.32
CA ASP B 164 19.65 -20.09 -2.89
C ASP B 164 20.59 -21.10 -3.55
N LYS B 165 20.87 -20.92 -4.84
CA LYS B 165 21.76 -21.75 -5.66
C LYS B 165 23.21 -21.63 -5.12
N ILE B 166 23.70 -20.39 -4.92
CA ILE B 166 25.03 -20.02 -4.41
C ILE B 166 25.22 -20.47 -2.94
N LEU B 167 24.27 -20.13 -2.06
CA LEU B 167 24.36 -20.43 -0.65
C LEU B 167 23.79 -21.79 -0.25
N GLU B 168 23.29 -22.58 -1.24
CA GLU B 168 22.75 -23.95 -1.05
C GLU B 168 21.76 -23.98 0.11
N THR B 169 20.75 -23.11 0.02
CA THR B 169 19.72 -22.91 1.05
C THR B 169 18.33 -22.75 0.42
N SER B 170 17.28 -22.64 1.26
CA SER B 170 15.89 -22.40 0.86
C SER B 170 15.33 -21.09 1.48
N ARG B 171 16.18 -20.36 2.26
CA ARG B 171 15.87 -19.10 2.94
C ARG B 171 15.35 -18.01 1.99
N GLY B 172 15.96 -17.90 0.82
CA GLY B 172 15.56 -16.96 -0.22
C GLY B 172 14.14 -17.23 -0.71
N ALA B 173 13.82 -18.50 -1.02
CA ALA B 173 12.49 -18.95 -1.47
C ALA B 173 11.49 -18.78 -0.32
N ASP B 174 11.91 -19.06 0.94
CA ASP B 174 11.07 -18.85 2.13
C ASP B 174 10.68 -17.38 2.18
N TRP B 175 11.66 -16.46 2.06
CA TRP B 175 11.49 -15.01 2.08
C TRP B 175 10.58 -14.53 0.93
N ARG B 176 10.67 -15.16 -0.27
CA ARG B 176 9.83 -14.81 -1.43
C ARG B 176 8.35 -15.05 -1.05
N VAL B 177 8.02 -16.25 -0.56
CA VAL B 177 6.67 -16.61 -0.10
C VAL B 177 6.20 -15.72 1.08
N ALA B 178 7.05 -15.56 2.10
CA ALA B 178 6.73 -14.77 3.30
C ALA B 178 6.56 -13.26 3.05
N HIS B 179 7.34 -12.65 2.16
CA HIS B 179 7.26 -11.22 2.02
C HIS B 179 6.98 -10.66 0.63
N VAL B 180 7.40 -11.32 -0.43
CA VAL B 180 7.22 -10.80 -1.79
C VAL B 180 5.85 -11.18 -2.35
N GLU B 181 5.45 -12.45 -2.20
CA GLU B 181 4.21 -12.97 -2.76
C GLU B 181 2.95 -12.41 -2.08
N VAL B 182 3.10 -11.74 -0.93
CA VAL B 182 2.01 -11.10 -0.18
C VAL B 182 2.26 -9.58 -0.09
N ALA B 183 3.24 -9.06 -0.85
CA ALA B 183 3.54 -7.61 -0.78
C ALA B 183 2.47 -6.73 -1.45
N PRO B 184 2.20 -5.51 -0.92
CA PRO B 184 1.24 -4.61 -1.57
C PRO B 184 1.64 -4.21 -3.01
N PHE B 185 2.93 -4.17 -3.34
CA PHE B 185 3.32 -3.83 -4.72
C PHE B 185 2.88 -4.94 -5.69
N TYR B 186 2.80 -6.17 -5.18
CA TYR B 186 2.50 -7.33 -5.99
C TYR B 186 1.06 -7.76 -5.98
N THR B 187 0.47 -7.81 -4.80
CA THR B 187 -0.88 -8.29 -4.72
C THR B 187 -1.72 -7.45 -3.86
N CYS B 188 -3.01 -7.56 -4.09
CA CYS B 188 -4.01 -6.81 -3.36
C CYS B 188 -5.13 -7.72 -2.82
N LYS B 189 -5.50 -7.52 -1.56
CA LYS B 189 -6.61 -8.27 -0.97
C LYS B 189 -7.52 -7.39 -0.18
N LYS B 190 -8.81 -7.37 -0.55
CA LYS B 190 -9.80 -6.60 0.18
C LYS B 190 -10.07 -7.40 1.44
N ILE B 191 -10.07 -6.72 2.62
CA ILE B 191 -10.22 -7.37 3.92
C ILE B 191 -11.52 -8.20 3.94
N ASN B 192 -12.60 -7.70 3.30
CA ASN B 192 -13.86 -8.42 3.19
C ASN B 192 -13.71 -9.78 2.47
N GLN B 193 -12.92 -9.83 1.37
CA GLN B 193 -12.62 -11.05 0.59
C GLN B 193 -11.92 -12.10 1.47
N LEU B 194 -10.84 -11.70 2.16
CA LEU B 194 -10.04 -12.51 3.07
C LEU B 194 -10.93 -13.05 4.21
N ILE B 195 -11.94 -12.28 4.65
CA ILE B 195 -12.91 -12.69 5.67
C ILE B 195 -13.88 -13.78 5.11
N SER B 196 -14.44 -13.58 3.89
CA SER B 196 -15.34 -14.55 3.23
C SER B 196 -14.59 -15.84 2.92
N GLU B 197 -13.32 -15.70 2.53
CA GLU B 197 -12.44 -16.82 2.21
C GLU B 197 -12.10 -17.63 3.45
N THR B 198 -11.88 -16.98 4.61
CA THR B 198 -11.58 -17.69 5.86
C THR B 198 -12.84 -18.40 6.33
N GLU B 199 -14.01 -17.76 6.15
CA GLU B 199 -15.32 -18.32 6.50
C GLU B 199 -15.49 -19.64 5.71
N ALA B 200 -15.25 -19.59 4.37
CA ALA B 200 -15.36 -20.73 3.46
C ALA B 200 -14.49 -21.90 3.91
N VAL B 201 -13.17 -21.67 4.14
CA VAL B 201 -12.20 -22.68 4.60
C VAL B 201 -12.65 -23.31 5.94
N VAL B 202 -13.10 -22.48 6.90
CA VAL B 202 -13.52 -22.93 8.21
C VAL B 202 -14.82 -23.78 8.13
N THR B 203 -15.87 -23.28 7.43
CA THR B 203 -17.15 -23.97 7.27
C THR B 203 -17.05 -25.27 6.46
N ASN B 204 -16.11 -25.33 5.50
CA ASN B 204 -15.90 -26.52 4.65
C ASN B 204 -14.82 -27.46 5.22
#